data_6FXL
#
_entry.id   6FXL
#
_cell.length_a   171.160
_cell.length_b   175.350
_cell.length_c   93.270
_cell.angle_alpha   90.00
_cell.angle_beta   90.00
_cell.angle_gamma   90.00
#
_symmetry.space_group_name_H-M   'C 2 2 21'
#
loop_
_entity.id
_entity.type
_entity.pdbx_description
1 polymer 'Ribose 5-phosphate isomerase, putative'
2 non-polymer 'PHOSPHATE ION'
3 water water
#
_entity_poly.entity_id   1
_entity_poly.type   'polypeptide(L)'
_entity_poly.pdbx_seq_one_letter_code
;MGSSHHHHHHSSGLVPRGSHMTRRVAIGTDHPAFAIHENLILYVKEAGDEFVPVYCGPKTAESVDYPDFASRVAEMVARK
EVEFGVLACGSGIGMSIAANKVPGVRAALCYDHYTAAISRIHNDANIVCVGERTTGVEVIREIIITFLQTPFSGEERHAR
RIEKIRAIEASHAGNKGVK
;
_entity_poly.pdbx_strand_id   A,B,C,D
#
# COMPACT_ATOMS: atom_id res chain seq x y z
N SER A 19 9.01 -36.76 7.89
CA SER A 19 9.91 -35.66 8.08
C SER A 19 9.08 -34.43 8.68
N HIS A 20 9.75 -33.52 9.29
CA HIS A 20 9.18 -32.25 9.80
C HIS A 20 8.44 -32.44 11.10
N MET A 21 8.40 -31.36 11.87
CA MET A 21 7.31 -31.19 12.83
C MET A 21 6.18 -30.48 12.10
N THR A 22 5.01 -31.09 12.18
CA THR A 22 3.76 -30.48 11.68
C THR A 22 3.53 -29.16 12.42
N ARG A 23 3.39 -28.08 11.64
CA ARG A 23 3.02 -26.74 12.22
C ARG A 23 1.64 -26.41 11.71
N ARG A 24 0.63 -26.54 12.54
CA ARG A 24 -0.71 -26.30 12.11
C ARG A 24 -1.00 -24.78 12.08
N VAL A 25 -1.85 -24.36 11.12
CA VAL A 25 -2.20 -22.93 10.82
C VAL A 25 -3.71 -22.90 10.73
N ALA A 26 -4.35 -22.34 11.76
CA ALA A 26 -5.80 -22.21 11.69
C ALA A 26 -6.18 -20.98 10.82
N ILE A 27 -7.21 -21.13 10.05
CA ILE A 27 -7.68 -20.19 9.06
C ILE A 27 -9.15 -19.84 9.34
N GLY A 28 -9.49 -18.55 9.41
CA GLY A 28 -10.89 -18.17 9.51
C GLY A 28 -11.15 -16.95 8.64
N THR A 29 -12.41 -16.78 8.24
CA THR A 29 -12.81 -15.64 7.45
C THR A 29 -14.15 -15.11 7.91
N ASP A 30 -14.57 -14.00 7.31
CA ASP A 30 -15.89 -13.43 7.41
C ASP A 30 -16.58 -13.78 6.07
N HIS A 31 -17.70 -13.14 5.79
CA HIS A 31 -18.39 -13.47 4.58
C HIS A 31 -17.72 -12.97 3.33
N PRO A 32 -17.35 -11.70 3.22
CA PRO A 32 -16.66 -11.35 1.93
C PRO A 32 -15.35 -12.13 1.63
N ALA A 33 -14.63 -12.53 2.67
CA ALA A 33 -13.37 -13.27 2.46
C ALA A 33 -13.62 -14.74 2.30
N PHE A 34 -14.83 -15.22 2.56
CA PHE A 34 -15.11 -16.65 2.24
C PHE A 34 -14.87 -17.00 0.81
N ALA A 35 -15.03 -16.00 -0.05
CA ALA A 35 -14.75 -16.23 -1.49
C ALA A 35 -13.30 -16.61 -1.72
N ILE A 36 -12.37 -16.20 -0.84
CA ILE A 36 -10.92 -16.62 -1.03
C ILE A 36 -10.42 -17.68 -0.08
N HIS A 37 -11.34 -18.41 0.62
CA HIS A 37 -10.86 -19.34 1.65
C HIS A 37 -10.04 -20.48 1.11
N GLU A 38 -10.34 -20.93 -0.09
CA GLU A 38 -9.52 -21.98 -0.67
C GLU A 38 -8.14 -21.47 -1.05
N ASN A 39 -8.05 -20.21 -1.51
CA ASN A 39 -6.74 -19.51 -1.80
C ASN A 39 -5.89 -19.51 -0.52
N LEU A 40 -6.52 -19.17 0.61
CA LEU A 40 -5.76 -19.05 1.88
C LEU A 40 -5.20 -20.41 2.29
N ILE A 41 -6.04 -21.44 2.15
CA ILE A 41 -5.61 -22.85 2.39
C ILE A 41 -4.36 -23.17 1.56
N LEU A 42 -4.49 -22.91 0.28
CA LEU A 42 -3.38 -23.18 -0.66
C LEU A 42 -2.11 -22.38 -0.32
N TYR A 43 -2.26 -21.07 -0.01
CA TYR A 43 -1.09 -20.25 0.29
C TYR A 43 -0.34 -20.75 1.50
N VAL A 44 -1.09 -21.22 2.50
CA VAL A 44 -0.50 -21.78 3.69
C VAL A 44 0.37 -23.01 3.31
N LYS A 45 -0.16 -23.89 2.50
CA LYS A 45 0.61 -25.06 2.09
C LYS A 45 1.80 -24.69 1.30
N GLU A 46 1.71 -23.65 0.46
CA GLU A 46 2.87 -23.19 -0.31
C GLU A 46 4.01 -22.66 0.50
N ALA A 47 3.79 -22.24 1.75
CA ALA A 47 4.90 -21.78 2.56
C ALA A 47 5.87 -22.84 2.90
N GLY A 48 5.40 -24.10 2.90
CA GLY A 48 6.28 -25.20 3.17
C GLY A 48 5.53 -26.43 3.59
N ASP A 49 6.09 -27.58 3.29
CA ASP A 49 5.43 -28.89 3.60
C ASP A 49 5.22 -29.12 5.07
N GLU A 50 5.91 -28.48 5.96
CA GLU A 50 5.58 -28.63 7.40
C GLU A 50 4.25 -27.97 7.84
N PHE A 51 3.75 -27.04 7.01
CA PHE A 51 2.59 -26.28 7.39
C PHE A 51 1.33 -26.99 7.03
N VAL A 52 0.41 -27.18 7.96
CA VAL A 52 -0.83 -27.84 7.70
C VAL A 52 -2.00 -26.92 8.06
N PRO A 53 -2.79 -26.52 7.05
CA PRO A 53 -3.96 -25.67 7.31
C PRO A 53 -5.05 -26.40 8.02
N VAL A 54 -5.68 -25.72 8.94
CA VAL A 54 -6.86 -26.18 9.63
C VAL A 54 -7.93 -25.12 9.38
N TYR A 55 -8.95 -25.43 8.55
CA TYR A 55 -9.90 -24.40 8.18
C TYR A 55 -10.97 -24.35 9.22
N CYS A 56 -11.11 -23.22 9.88
CA CYS A 56 -12.10 -23.06 10.92
C CYS A 56 -13.18 -22.13 10.53
N GLY A 57 -13.12 -21.59 9.31
CA GLY A 57 -13.96 -20.51 8.85
C GLY A 57 -15.34 -20.88 8.52
N PRO A 58 -16.12 -19.93 8.01
CA PRO A 58 -17.48 -20.36 7.70
C PRO A 58 -17.45 -21.38 6.57
N LYS A 59 -18.27 -22.39 6.76
CA LYS A 59 -18.35 -23.45 5.70
C LYS A 59 -19.20 -23.12 4.49
N THR A 60 -20.04 -22.11 4.58
CA THR A 60 -20.87 -21.72 3.48
C THR A 60 -20.80 -20.23 3.36
N ALA A 61 -21.51 -19.76 2.33
CA ALA A 61 -21.71 -18.37 2.03
C ALA A 61 -22.75 -17.70 2.95
N GLU A 62 -23.18 -18.28 4.06
CA GLU A 62 -24.18 -17.68 4.95
C GLU A 62 -23.48 -16.42 5.61
N SER A 63 -24.28 -15.48 6.06
CA SER A 63 -23.91 -14.34 6.89
C SER A 63 -23.19 -14.69 8.16
N VAL A 64 -22.10 -14.03 8.45
CA VAL A 64 -21.38 -14.33 9.65
C VAL A 64 -20.81 -13.02 10.22
N ASP A 65 -20.44 -13.11 11.48
CA ASP A 65 -19.83 -12.04 12.18
C ASP A 65 -18.36 -12.38 12.43
N TYR A 66 -17.44 -11.53 11.91
CA TYR A 66 -16.00 -11.84 12.01
C TYR A 66 -15.50 -12.14 13.43
N PRO A 67 -15.96 -11.45 14.50
CA PRO A 67 -15.40 -11.82 15.79
C PRO A 67 -15.54 -13.27 16.20
N ASP A 68 -16.58 -13.93 15.69
CA ASP A 68 -16.79 -15.33 16.02
C ASP A 68 -15.67 -16.20 15.42
N PHE A 69 -15.21 -15.86 14.23
CA PHE A 69 -14.12 -16.62 13.64
C PHE A 69 -12.77 -16.17 14.10
N ALA A 70 -12.59 -14.88 14.37
CA ALA A 70 -11.39 -14.40 14.98
C ALA A 70 -11.18 -15.09 16.32
N SER A 71 -12.27 -15.21 17.10
CA SER A 71 -12.18 -15.87 18.37
C SER A 71 -11.84 -17.37 18.31
N ARG A 72 -12.43 -18.10 17.40
CA ARG A 72 -12.11 -19.48 17.20
C ARG A 72 -10.62 -19.74 16.86
N VAL A 73 -10.08 -18.96 15.95
CA VAL A 73 -8.72 -19.06 15.56
C VAL A 73 -7.79 -18.64 16.66
N ALA A 74 -8.11 -17.49 17.24
CA ALA A 74 -7.22 -16.93 18.21
C ALA A 74 -7.09 -17.80 19.48
N GLU A 75 -8.19 -18.43 19.83
CA GLU A 75 -8.16 -19.33 20.99
C GLU A 75 -7.28 -20.59 20.74
N MET A 76 -7.34 -21.05 19.53
CA MET A 76 -6.47 -22.18 19.11
C MET A 76 -5.01 -21.79 19.17
N VAL A 77 -4.71 -20.60 18.63
CA VAL A 77 -3.37 -20.06 18.75
C VAL A 77 -2.90 -19.86 20.17
N ALA A 78 -3.74 -19.30 21.01
CA ALA A 78 -3.31 -19.03 22.39
C ALA A 78 -3.04 -20.31 23.20
N ARG A 79 -3.74 -21.39 22.94
CA ARG A 79 -3.46 -22.71 23.64
C ARG A 79 -2.40 -23.50 22.94
N LYS A 80 -1.98 -22.99 21.78
CA LYS A 80 -1.02 -23.61 20.92
C LYS A 80 -1.57 -25.01 20.50
N GLU A 81 -2.87 -25.09 20.27
CA GLU A 81 -3.39 -26.19 19.49
C GLU A 81 -2.90 -26.08 18.03
N VAL A 82 -2.64 -24.86 17.58
CA VAL A 82 -1.98 -24.57 16.30
C VAL A 82 -0.91 -23.57 16.63
N GLU A 83 0.14 -23.48 15.84
CA GLU A 83 1.15 -22.47 16.00
C GLU A 83 0.80 -21.11 15.43
N PHE A 84 0.07 -21.04 14.32
CA PHE A 84 -0.19 -19.75 13.65
C PHE A 84 -1.61 -19.72 13.23
N GLY A 85 -2.09 -18.51 13.03
CA GLY A 85 -3.38 -18.22 12.49
C GLY A 85 -3.32 -17.31 11.24
N VAL A 86 -4.31 -17.47 10.36
CA VAL A 86 -4.57 -16.61 9.25
C VAL A 86 -6.04 -16.19 9.29
N LEU A 87 -6.26 -14.88 9.38
CA LEU A 87 -7.62 -14.36 9.42
C LEU A 87 -7.84 -13.38 8.28
N ALA A 88 -9.00 -13.49 7.61
CA ALA A 88 -9.27 -12.60 6.47
C ALA A 88 -10.68 -12.00 6.68
N CYS A 89 -10.81 -10.69 6.45
CA CYS A 89 -12.16 -10.04 6.41
C CYS A 89 -12.09 -9.04 5.32
N GLY A 90 -12.99 -8.05 5.32
CA GLY A 90 -12.98 -7.02 4.29
C GLY A 90 -11.66 -6.25 4.17
N SER A 91 -11.18 -5.72 5.29
CA SER A 91 -9.95 -4.98 5.31
C SER A 91 -8.82 -5.58 6.11
N GLY A 92 -9.18 -6.60 6.91
CA GLY A 92 -8.26 -7.17 7.90
C GLY A 92 -8.32 -6.58 9.27
N ILE A 93 -8.78 -5.35 9.35
CA ILE A 93 -8.81 -4.59 10.60
C ILE A 93 -9.67 -5.21 11.66
N GLY A 94 -10.89 -5.58 11.31
CA GLY A 94 -11.79 -6.13 12.34
C GLY A 94 -11.19 -7.41 12.98
N MET A 95 -10.62 -8.29 12.14
CA MET A 95 -9.97 -9.52 12.57
C MET A 95 -8.78 -9.19 13.48
N SER A 96 -8.00 -8.19 13.17
CA SER A 96 -6.90 -7.86 14.00
C SER A 96 -7.29 -7.33 15.38
N ILE A 97 -8.33 -6.52 15.39
CA ILE A 97 -8.78 -5.98 16.70
C ILE A 97 -9.32 -7.14 17.58
N ALA A 98 -10.20 -7.99 17.00
CA ALA A 98 -10.86 -9.08 17.75
C ALA A 98 -9.85 -10.11 18.21
N ALA A 99 -8.92 -10.49 17.33
CA ALA A 99 -7.98 -11.51 17.68
C ALA A 99 -7.03 -11.10 18.78
N ASN A 100 -6.62 -9.83 18.76
CA ASN A 100 -5.67 -9.37 19.75
C ASN A 100 -6.36 -9.26 21.17
N LYS A 101 -7.68 -9.37 21.24
CA LYS A 101 -8.31 -9.38 22.55
C LYS A 101 -8.07 -10.75 23.31
N VAL A 102 -7.50 -11.74 22.68
CA VAL A 102 -7.24 -13.03 23.32
C VAL A 102 -5.83 -12.97 23.84
N PRO A 103 -5.64 -13.15 25.16
CA PRO A 103 -4.25 -13.18 25.66
C PRO A 103 -3.35 -14.25 25.02
N GLY A 104 -2.11 -13.91 24.72
CA GLY A 104 -1.22 -14.82 24.06
C GLY A 104 -1.15 -14.57 22.56
N VAL A 105 -2.11 -13.83 22.00
CA VAL A 105 -2.14 -13.59 20.59
C VAL A 105 -1.39 -12.33 20.24
N ARG A 106 -0.66 -12.38 19.11
CA ARG A 106 -0.06 -11.17 18.58
C ARG A 106 -0.46 -11.14 17.05
N ALA A 107 -1.56 -10.45 16.74
CA ALA A 107 -2.22 -10.51 15.44
C ALA A 107 -1.83 -9.26 14.69
N ALA A 108 -1.23 -9.48 13.52
CA ALA A 108 -0.70 -8.39 12.71
C ALA A 108 -1.54 -8.17 11.42
N LEU A 109 -2.03 -6.96 11.25
CA LEU A 109 -2.67 -6.54 9.98
CA LEU A 109 -2.68 -6.50 10.00
C LEU A 109 -1.56 -6.27 8.98
N CYS A 110 -1.50 -7.09 7.96
CA CYS A 110 -0.46 -7.03 6.95
C CYS A 110 -1.10 -6.78 5.58
N TYR A 111 -0.45 -5.89 4.80
CA TYR A 111 -0.95 -5.49 3.54
C TYR A 111 0.17 -5.53 2.48
N ASP A 112 1.34 -5.97 2.82
CA ASP A 112 2.46 -6.12 1.86
C ASP A 112 3.55 -7.03 2.42
N HIS A 113 4.60 -7.24 1.64
CA HIS A 113 5.70 -8.08 2.08
C HIS A 113 6.40 -7.53 3.31
N TYR A 114 6.63 -6.21 3.35
CA TYR A 114 7.36 -5.61 4.38
C TYR A 114 6.65 -5.87 5.74
N THR A 115 5.38 -5.54 5.80
CA THR A 115 4.60 -5.73 7.05
C THR A 115 4.51 -7.19 7.50
N ALA A 116 4.34 -8.09 6.54
CA ALA A 116 4.37 -9.53 6.78
C ALA A 116 5.69 -9.97 7.43
N ALA A 117 6.82 -9.52 6.90
CA ALA A 117 8.09 -9.91 7.43
C ALA A 117 8.36 -9.21 8.79
N ILE A 118 8.11 -7.90 8.86
CA ILE A 118 8.48 -7.13 10.03
C ILE A 118 7.65 -7.56 11.24
N SER A 119 6.38 -8.02 11.02
CA SER A 119 5.50 -8.48 12.11
CA SER A 119 5.56 -8.45 12.15
C SER A 119 6.16 -9.70 12.80
N ARG A 120 6.77 -10.53 11.99
CA ARG A 120 7.55 -11.68 12.45
C ARG A 120 8.85 -11.35 13.11
N ILE A 121 9.66 -10.55 12.43
CA ILE A 121 10.99 -10.21 12.87
C ILE A 121 10.99 -9.42 14.19
N HIS A 122 10.16 -8.41 14.27
CA HIS A 122 10.08 -7.62 15.46
C HIS A 122 9.14 -8.14 16.55
N ASN A 123 7.96 -8.59 16.18
CA ASN A 123 6.93 -8.91 17.12
C ASN A 123 6.57 -10.36 17.29
N ASP A 124 7.29 -11.25 16.59
CA ASP A 124 7.06 -12.66 16.60
C ASP A 124 5.57 -12.92 16.47
N ALA A 125 4.94 -12.24 15.51
CA ALA A 125 3.49 -12.32 15.41
C ALA A 125 3.05 -13.74 15.14
N ASN A 126 1.89 -14.12 15.68
CA ASN A 126 1.35 -15.43 15.48
C ASN A 126 0.09 -15.55 14.70
N ILE A 127 -0.52 -14.44 14.42
CA ILE A 127 -1.62 -14.37 13.48
C ILE A 127 -1.44 -13.27 12.46
N VAL A 128 -1.72 -13.59 11.18
CA VAL A 128 -1.61 -12.62 10.10
C VAL A 128 -3.06 -12.32 9.69
N CYS A 129 -3.42 -11.04 9.58
CA CYS A 129 -4.79 -10.65 9.24
C CYS A 129 -4.66 -9.91 7.87
N VAL A 130 -5.57 -10.24 6.96
CA VAL A 130 -5.57 -9.60 5.65
C VAL A 130 -6.98 -9.18 5.22
N GLY A 131 -7.02 -8.31 4.23
CA GLY A 131 -8.26 -7.79 3.68
C GLY A 131 -8.52 -8.27 2.29
N GLU A 132 -9.66 -8.93 2.11
CA GLU A 132 -10.09 -9.38 0.78
C GLU A 132 -10.59 -8.23 -0.11
N ARG A 133 -11.16 -7.18 0.46
CA ARG A 133 -11.66 -6.05 -0.31
C ARG A 133 -10.57 -5.02 -0.66
N THR A 134 -9.47 -5.08 0.05
CA THR A 134 -8.33 -4.16 -0.05
C THR A 134 -7.15 -4.67 -0.80
N THR A 135 -6.81 -5.92 -0.59
CA THR A 135 -5.59 -6.53 -1.09
C THR A 135 -5.86 -7.60 -2.09
N GLY A 136 -5.21 -7.48 -3.26
CA GLY A 136 -5.44 -8.49 -4.30
C GLY A 136 -4.84 -9.84 -3.93
N VAL A 137 -5.29 -10.92 -4.51
CA VAL A 137 -4.89 -12.22 -4.09
C VAL A 137 -3.48 -12.64 -4.24
N GLU A 138 -2.76 -12.13 -5.21
CA GLU A 138 -1.38 -12.42 -5.30
C GLU A 138 -0.54 -11.75 -4.21
N VAL A 139 -0.95 -10.59 -3.76
CA VAL A 139 -0.28 -9.97 -2.60
C VAL A 139 -0.67 -10.69 -1.27
N ILE A 140 -1.91 -11.13 -1.15
CA ILE A 140 -2.31 -11.99 0.00
C ILE A 140 -1.41 -13.24 0.06
N ARG A 141 -1.20 -13.87 -1.08
CA ARG A 141 -0.30 -14.99 -1.25
C ARG A 141 1.05 -14.63 -0.73
N GLU A 142 1.60 -13.56 -1.23
CA GLU A 142 2.94 -13.17 -0.81
C GLU A 142 3.01 -12.88 0.76
N ILE A 143 1.98 -12.22 1.27
CA ILE A 143 1.85 -11.94 2.69
C ILE A 143 1.94 -13.26 3.49
N ILE A 144 1.09 -14.19 3.20
CA ILE A 144 0.97 -15.45 3.97
C ILE A 144 2.28 -16.20 3.93
N ILE A 145 2.83 -16.33 2.73
CA ILE A 145 4.06 -17.10 2.55
C ILE A 145 5.20 -16.41 3.27
N THR A 146 5.29 -15.10 3.13
CA THR A 146 6.33 -14.35 3.83
C THR A 146 6.20 -14.53 5.38
N PHE A 147 4.98 -14.32 5.85
CA PHE A 147 4.70 -14.45 7.28
C PHE A 147 5.14 -15.84 7.82
N LEU A 148 4.73 -16.89 7.14
CA LEU A 148 5.04 -18.23 7.57
C LEU A 148 6.49 -18.68 7.30
N GLN A 149 7.30 -17.92 6.55
CA GLN A 149 8.67 -18.32 6.30
C GLN A 149 9.65 -17.49 7.13
N THR A 150 9.17 -16.42 7.74
CA THR A 150 10.07 -15.47 8.34
C THR A 150 10.24 -15.77 9.87
N PRO A 151 11.48 -16.01 10.28
CA PRO A 151 11.71 -16.24 11.75
C PRO A 151 11.74 -14.95 12.54
N PHE A 152 11.59 -15.10 13.82
CA PHE A 152 11.75 -13.96 14.76
C PHE A 152 13.20 -13.52 14.87
N SER A 153 13.48 -12.27 15.17
CA SER A 153 14.84 -11.79 15.13
C SER A 153 15.67 -12.40 16.23
N GLY A 154 15.10 -12.69 17.37
CA GLY A 154 15.93 -13.16 18.46
C GLY A 154 16.56 -12.03 19.31
N GLU A 155 16.26 -10.76 19.03
CA GLU A 155 17.00 -9.67 19.70
C GLU A 155 16.39 -9.27 21.04
N GLU A 156 17.27 -8.80 21.93
CA GLU A 156 16.88 -8.56 23.27
C GLU A 156 15.76 -7.52 23.33
N ARG A 157 15.91 -6.44 22.60
CA ARG A 157 14.92 -5.40 22.65
C ARG A 157 13.51 -5.89 22.18
N HIS A 158 13.51 -6.72 21.15
CA HIS A 158 12.22 -7.28 20.61
C HIS A 158 11.60 -8.16 21.67
N ALA A 159 12.39 -9.03 22.28
CA ALA A 159 11.86 -9.90 23.30
C ALA A 159 11.33 -9.10 24.44
N ARG A 160 12.07 -8.09 24.83
CA ARG A 160 11.63 -7.20 25.90
C ARG A 160 10.29 -6.51 25.61
N ARG A 161 10.13 -6.01 24.41
CA ARG A 161 8.87 -5.42 23.98
C ARG A 161 7.71 -6.41 23.97
N ILE A 162 7.94 -7.61 23.47
CA ILE A 162 6.92 -8.62 23.49
C ILE A 162 6.52 -8.93 24.94
N GLU A 163 7.51 -8.97 25.85
CA GLU A 163 7.18 -9.27 27.25
C GLU A 163 6.33 -8.13 27.86
N LYS A 164 6.62 -6.90 27.47
CA LYS A 164 5.79 -5.78 27.83
C LYS A 164 4.32 -5.88 27.38
N ILE A 165 4.11 -6.44 26.20
CA ILE A 165 2.73 -6.70 25.80
C ILE A 165 2.10 -7.70 26.74
N ARG A 166 2.79 -8.78 27.05
CA ARG A 166 2.29 -9.77 27.99
C ARG A 166 1.95 -9.07 29.35
N ALA A 167 2.82 -8.17 29.83
CA ALA A 167 2.50 -7.46 31.09
C ALA A 167 1.23 -6.60 30.99
N ILE A 168 0.97 -6.01 29.80
CA ILE A 168 -0.31 -5.29 29.60
C ILE A 168 -1.48 -6.25 29.74
N GLU A 169 -1.39 -7.41 29.14
CA GLU A 169 -2.48 -8.38 29.23
C GLU A 169 -2.71 -8.78 30.70
N ALA A 170 -1.59 -9.12 31.36
CA ALA A 170 -1.65 -9.55 32.81
C ALA A 170 -2.24 -8.46 33.73
N SER A 171 -1.98 -7.21 33.44
CA SER A 171 -2.46 -6.18 34.24
C SER A 171 -3.98 -5.96 34.07
N HIS A 172 -4.64 -6.48 33.03
CA HIS A 172 -6.09 -6.42 32.89
C HIS A 172 -6.77 -7.74 33.10
N ALA A 173 -6.12 -8.79 33.52
CA ALA A 173 -6.77 -10.17 33.52
C ALA A 173 -7.84 -10.39 34.64
N MET B 21 -22.46 17.80 -20.31
CA MET B 21 -21.53 17.24 -21.28
C MET B 21 -21.12 15.88 -20.70
N THR B 22 -21.19 14.91 -21.58
CA THR B 22 -20.76 13.57 -21.37
C THR B 22 -19.26 13.55 -21.24
N ARG B 23 -18.76 12.91 -20.21
CA ARG B 23 -17.33 12.62 -20.08
C ARG B 23 -17.12 11.15 -20.29
N ARG B 24 -16.51 10.81 -21.40
CA ARG B 24 -16.36 9.48 -21.74
C ARG B 24 -15.05 8.92 -21.17
N VAL B 25 -15.11 7.61 -20.84
CA VAL B 25 -13.98 6.84 -20.21
C VAL B 25 -13.76 5.58 -20.84
N ALA B 26 -12.68 5.45 -21.64
CA ALA B 26 -12.42 4.21 -22.27
C ALA B 26 -11.72 3.25 -21.29
N ILE B 27 -12.08 2.01 -21.32
CA ILE B 27 -11.59 1.00 -20.45
C ILE B 27 -10.94 -0.14 -21.19
N GLY B 28 -9.75 -0.52 -20.78
CA GLY B 28 -9.14 -1.73 -21.25
C GLY B 28 -8.49 -2.63 -20.19
N THR B 29 -8.42 -3.93 -20.46
CA THR B 29 -7.75 -4.87 -19.58
C THR B 29 -6.86 -5.81 -20.29
N ASP B 30 -6.10 -6.54 -19.53
CA ASP B 30 -5.47 -7.77 -19.93
C ASP B 30 -6.29 -8.99 -19.49
N HIS B 31 -5.68 -10.16 -19.54
CA HIS B 31 -6.42 -11.37 -19.22
C HIS B 31 -6.78 -11.49 -17.70
N PRO B 32 -5.80 -11.40 -16.79
CA PRO B 32 -6.26 -11.46 -15.39
C PRO B 32 -7.27 -10.38 -14.94
N ALA B 33 -7.16 -9.18 -15.47
CA ALA B 33 -8.06 -8.13 -15.10
C ALA B 33 -9.43 -8.13 -15.86
N PHE B 34 -9.53 -9.04 -16.81
CA PHE B 34 -10.81 -9.27 -17.51
C PHE B 34 -11.84 -9.71 -16.46
N ALA B 35 -11.37 -10.44 -15.49
CA ALA B 35 -12.24 -10.85 -14.36
C ALA B 35 -12.92 -9.70 -13.63
N ILE B 36 -12.41 -8.47 -13.65
CA ILE B 36 -13.08 -7.37 -13.00
C ILE B 36 -13.53 -6.32 -14.02
N HIS B 37 -13.68 -6.68 -15.30
CA HIS B 37 -14.03 -5.59 -16.24
C HIS B 37 -15.42 -5.01 -15.97
N GLU B 38 -16.34 -5.87 -15.52
CA GLU B 38 -17.69 -5.37 -15.13
C GLU B 38 -17.64 -4.44 -13.94
N ASN B 39 -16.76 -4.74 -12.97
CA ASN B 39 -16.51 -3.81 -11.87
C ASN B 39 -16.06 -2.48 -12.38
N LEU B 40 -15.07 -2.49 -13.30
CA LEU B 40 -14.51 -1.23 -13.76
C LEU B 40 -15.62 -0.35 -14.44
N ILE B 41 -16.43 -0.99 -15.27
CA ILE B 41 -17.57 -0.31 -15.95
C ILE B 41 -18.49 0.32 -14.91
N LEU B 42 -18.80 -0.46 -13.90
CA LEU B 42 -19.63 0.04 -12.77
C LEU B 42 -19.08 1.18 -12.04
N TYR B 43 -17.78 1.16 -11.71
CA TYR B 43 -17.25 2.19 -10.86
C TYR B 43 -17.13 3.49 -11.58
N VAL B 44 -16.91 3.39 -12.90
CA VAL B 44 -16.96 4.62 -13.67
C VAL B 44 -18.34 5.30 -13.59
N LYS B 45 -19.38 4.53 -13.80
CA LYS B 45 -20.78 5.08 -13.68
C LYS B 45 -21.06 5.62 -12.29
N GLU B 46 -20.51 4.95 -11.27
CA GLU B 46 -20.65 5.46 -9.89
C GLU B 46 -19.98 6.75 -9.63
N ALA B 47 -19.05 7.21 -10.46
CA ALA B 47 -18.48 8.53 -10.25
C ALA B 47 -19.36 9.68 -10.60
N GLY B 48 -20.43 9.43 -11.33
CA GLY B 48 -21.44 10.54 -11.63
C GLY B 48 -22.14 10.15 -12.93
N ASP B 49 -23.38 10.63 -13.11
CA ASP B 49 -24.15 10.30 -14.34
C ASP B 49 -23.49 10.77 -15.62
N GLU B 50 -22.70 11.82 -15.55
CA GLU B 50 -22.02 12.34 -16.75
C GLU B 50 -20.90 11.44 -17.20
N PHE B 51 -20.41 10.50 -16.38
CA PHE B 51 -19.30 9.65 -16.83
C PHE B 51 -19.84 8.44 -17.52
N VAL B 52 -19.37 8.21 -18.75
CA VAL B 52 -19.83 7.08 -19.49
C VAL B 52 -18.70 6.12 -19.86
N PRO B 53 -18.79 4.89 -19.44
CA PRO B 53 -17.71 4.00 -19.78
C PRO B 53 -17.86 3.46 -21.19
N VAL B 54 -16.74 3.27 -21.86
CA VAL B 54 -16.70 2.68 -23.21
C VAL B 54 -15.73 1.58 -23.08
N TYR B 55 -16.22 0.36 -23.09
CA TYR B 55 -15.42 -0.77 -22.78
C TYR B 55 -14.71 -1.21 -24.08
N CYS B 56 -13.40 -1.18 -24.07
CA CYS B 56 -12.60 -1.52 -25.21
C CYS B 56 -11.77 -2.73 -25.03
N GLY B 57 -11.92 -3.39 -23.89
CA GLY B 57 -11.05 -4.48 -23.48
C GLY B 57 -11.36 -5.78 -24.10
N PRO B 58 -10.64 -6.82 -23.73
CA PRO B 58 -10.97 -8.12 -24.31
C PRO B 58 -12.42 -8.51 -24.00
N LYS B 59 -13.05 -9.11 -24.98
CA LYS B 59 -14.49 -9.45 -24.84
C LYS B 59 -14.67 -10.80 -24.23
N THR B 60 -13.62 -11.62 -24.23
CA THR B 60 -13.70 -12.91 -23.58
C THR B 60 -12.42 -13.14 -22.80
N ALA B 61 -12.35 -14.32 -22.21
CA ALA B 61 -11.27 -14.80 -21.40
C ALA B 61 -10.05 -15.32 -22.14
N GLU B 62 -9.98 -15.13 -23.46
CA GLU B 62 -8.85 -15.54 -24.30
C GLU B 62 -7.57 -14.86 -23.83
N SER B 63 -6.45 -15.47 -24.17
CA SER B 63 -5.11 -14.85 -24.06
C SER B 63 -4.97 -13.50 -24.74
N VAL B 64 -4.34 -12.55 -24.08
CA VAL B 64 -4.10 -11.25 -24.69
C VAL B 64 -2.83 -10.65 -24.13
N ASP B 65 -2.33 -9.67 -24.86
CA ASP B 65 -1.14 -8.96 -24.51
C ASP B 65 -1.52 -7.56 -24.12
N TYR B 66 -1.23 -7.16 -22.86
CA TYR B 66 -1.69 -5.82 -22.42
C TYR B 66 -1.32 -4.62 -23.28
N PRO B 67 -0.10 -4.62 -23.92
CA PRO B 67 0.17 -3.42 -24.70
C PRO B 67 -0.85 -3.15 -25.85
N ASP B 68 -1.49 -4.20 -26.35
CA ASP B 68 -2.52 -4.02 -27.44
C ASP B 68 -3.73 -3.22 -26.88
N PHE B 69 -4.18 -3.52 -25.64
CA PHE B 69 -5.24 -2.72 -25.02
C PHE B 69 -4.84 -1.41 -24.48
N ALA B 70 -3.61 -1.32 -23.93
CA ALA B 70 -3.08 -0.06 -23.55
C ALA B 70 -3.05 0.93 -24.75
N SER B 71 -2.56 0.42 -25.88
CA SER B 71 -2.40 1.23 -27.08
C SER B 71 -3.80 1.76 -27.58
N ARG B 72 -4.76 0.85 -27.63
CA ARG B 72 -6.19 1.18 -28.00
C ARG B 72 -6.71 2.32 -27.19
N VAL B 73 -6.68 2.18 -25.84
CA VAL B 73 -7.21 3.23 -24.99
C VAL B 73 -6.39 4.48 -25.05
N ALA B 74 -5.06 4.33 -25.00
CA ALA B 74 -4.21 5.47 -24.94
C ALA B 74 -4.39 6.30 -26.27
N GLU B 75 -4.53 5.59 -27.39
CA GLU B 75 -4.70 6.44 -28.67
C GLU B 75 -6.03 7.23 -28.66
N MET B 76 -7.07 6.63 -28.06
CA MET B 76 -8.40 7.30 -27.91
C MET B 76 -8.26 8.50 -27.10
N VAL B 77 -7.49 8.38 -26.00
CA VAL B 77 -7.31 9.58 -25.21
C VAL B 77 -6.44 10.66 -25.93
N ALA B 78 -5.37 10.20 -26.51
CA ALA B 78 -4.41 11.13 -27.13
C ALA B 78 -5.08 11.88 -28.32
N ARG B 79 -5.98 11.21 -29.02
CA ARG B 79 -6.70 11.86 -30.16
C ARG B 79 -7.99 12.50 -29.80
N LYS B 80 -8.27 12.57 -28.50
CA LYS B 80 -9.40 13.30 -27.97
C LYS B 80 -10.77 12.67 -28.31
N GLU B 81 -10.80 11.39 -28.53
CA GLU B 81 -12.03 10.64 -28.70
C GLU B 81 -12.72 10.41 -27.35
N VAL B 82 -11.94 10.28 -26.25
CA VAL B 82 -12.52 10.20 -24.87
C VAL B 82 -11.63 11.10 -23.95
N GLU B 83 -12.22 11.62 -22.91
CA GLU B 83 -11.55 12.49 -21.98
C GLU B 83 -10.54 11.62 -21.08
N PHE B 84 -10.93 10.41 -20.71
CA PHE B 84 -10.20 9.57 -19.72
C PHE B 84 -10.08 8.16 -20.19
N GLY B 85 -9.04 7.48 -19.68
CA GLY B 85 -8.89 6.08 -19.69
C GLY B 85 -8.74 5.44 -18.31
N VAL B 86 -9.12 4.18 -18.30
CA VAL B 86 -8.91 3.22 -17.23
C VAL B 86 -8.32 1.96 -17.78
N LEU B 87 -7.09 1.61 -17.32
CA LEU B 87 -6.43 0.41 -17.73
C LEU B 87 -6.12 -0.49 -16.56
N ALA B 88 -6.41 -1.78 -16.65
CA ALA B 88 -6.12 -2.71 -15.59
C ALA B 88 -5.37 -3.86 -16.13
N CYS B 89 -4.33 -4.23 -15.41
CA CYS B 89 -3.60 -5.46 -15.68
C CYS B 89 -3.28 -6.11 -14.29
N GLY B 90 -2.33 -7.05 -14.26
CA GLY B 90 -1.92 -7.76 -12.99
C GLY B 90 -1.62 -6.79 -11.90
N SER B 91 -0.72 -5.86 -12.21
CA SER B 91 -0.21 -4.90 -11.24
C SER B 91 -0.51 -3.47 -11.57
N GLY B 92 -0.96 -3.20 -12.80
CA GLY B 92 -1.08 -1.78 -13.23
C GLY B 92 0.17 -1.27 -13.95
N ILE B 93 1.33 -1.83 -13.66
CA ILE B 93 2.56 -1.19 -14.17
C ILE B 93 2.73 -1.37 -15.73
N GLY B 94 2.54 -2.54 -16.27
CA GLY B 94 2.61 -2.78 -17.70
C GLY B 94 1.79 -1.78 -18.46
N MET B 95 0.54 -1.59 -18.02
CA MET B 95 -0.33 -0.64 -18.63
C MET B 95 0.19 0.75 -18.57
N SER B 96 0.76 1.17 -17.42
CA SER B 96 1.21 2.48 -17.35
C SER B 96 2.49 2.76 -18.19
N ILE B 97 3.32 1.78 -18.32
CA ILE B 97 4.56 1.95 -19.17
C ILE B 97 4.11 2.05 -20.69
N ALA B 98 3.31 1.08 -21.14
CA ALA B 98 2.72 1.10 -22.47
C ALA B 98 1.93 2.29 -22.85
N ALA B 99 1.01 2.74 -22.02
CA ALA B 99 0.21 3.85 -22.35
C ALA B 99 0.96 5.11 -22.40
N ASN B 100 1.97 5.26 -21.55
CA ASN B 100 2.66 6.49 -21.55
C ASN B 100 3.62 6.68 -22.84
N LYS B 101 3.86 5.63 -23.54
CA LYS B 101 4.59 5.68 -24.82
C LYS B 101 3.80 6.43 -25.91
N VAL B 102 2.51 6.73 -25.67
CA VAL B 102 1.66 7.47 -26.64
C VAL B 102 1.74 8.93 -26.28
N PRO B 103 2.19 9.82 -27.23
CA PRO B 103 2.27 11.20 -26.90
C PRO B 103 0.92 11.83 -26.56
N GLY B 104 0.89 12.77 -25.61
CA GLY B 104 -0.29 13.34 -25.07
C GLY B 104 -0.87 12.58 -23.83
N VAL B 105 -0.50 11.33 -23.65
CA VAL B 105 -1.01 10.52 -22.53
C VAL B 105 -0.19 10.82 -21.24
N ARG B 106 -0.90 10.96 -20.13
CA ARG B 106 -0.30 11.03 -18.80
C ARG B 106 -0.96 9.89 -17.94
N ALA B 107 -0.36 8.70 -17.93
CA ALA B 107 -1.01 7.56 -17.37
C ALA B 107 -0.40 7.36 -15.98
N ALA B 108 -1.25 7.30 -14.98
CA ALA B 108 -0.84 7.25 -13.61
C ALA B 108 -1.16 5.88 -12.97
N LEU B 109 -0.15 5.18 -12.45
CA LEU B 109 -0.33 3.91 -11.67
C LEU B 109 -0.83 4.36 -10.33
N CYS B 110 -2.05 3.97 -9.98
CA CYS B 110 -2.68 4.40 -8.73
C CYS B 110 -3.05 3.15 -7.92
N TYR B 111 -2.77 3.24 -6.59
CA TYR B 111 -3.02 2.10 -5.71
C TYR B 111 -3.77 2.55 -4.47
N ASP B 112 -4.15 3.79 -4.36
CA ASP B 112 -4.92 4.25 -3.25
C ASP B 112 -5.52 5.59 -3.55
N HIS B 113 -6.28 6.15 -2.57
CA HIS B 113 -6.95 7.37 -2.75
C HIS B 113 -6.01 8.55 -3.01
N TYR B 114 -4.96 8.65 -2.21
CA TYR B 114 -3.96 9.69 -2.32
C TYR B 114 -3.38 9.77 -3.77
N THR B 115 -2.90 8.67 -4.27
CA THR B 115 -2.30 8.58 -5.60
C THR B 115 -3.35 8.93 -6.69
N ALA B 116 -4.55 8.44 -6.52
CA ALA B 116 -5.60 8.77 -7.45
C ALA B 116 -5.86 10.25 -7.50
N ALA B 117 -5.97 10.91 -6.34
CA ALA B 117 -6.19 12.32 -6.27
C ALA B 117 -5.01 13.15 -6.78
N ILE B 118 -3.81 12.83 -6.29
CA ILE B 118 -2.68 13.67 -6.56
C ILE B 118 -2.27 13.61 -8.07
N SER B 119 -2.53 12.49 -8.73
CA SER B 119 -2.25 12.32 -10.16
CA SER B 119 -2.23 12.37 -10.15
C SER B 119 -3.05 13.33 -10.99
N ARG B 120 -4.28 13.59 -10.54
CA ARG B 120 -5.10 14.63 -11.11
C ARG B 120 -4.62 16.00 -10.73
N ILE B 121 -4.49 16.25 -9.43
CA ILE B 121 -4.16 17.55 -8.90
C ILE B 121 -2.83 18.12 -9.45
N HIS B 122 -1.81 17.30 -9.46
CA HIS B 122 -0.50 17.73 -9.90
C HIS B 122 -0.23 17.52 -11.38
N ASN B 123 -0.61 16.36 -11.94
CA ASN B 123 -0.18 16.00 -13.25
C ASN B 123 -1.33 16.01 -14.30
N ASP B 124 -2.56 16.38 -13.88
CA ASP B 124 -3.74 16.36 -14.76
C ASP B 124 -3.72 15.07 -15.50
N ALA B 125 -3.54 13.96 -14.75
CA ALA B 125 -3.44 12.67 -15.43
C ALA B 125 -4.75 12.34 -16.20
N ASN B 126 -4.67 11.63 -17.34
CA ASN B 126 -5.85 11.36 -18.12
C ASN B 126 -6.08 9.89 -18.22
N ILE B 127 -5.13 9.03 -17.77
CA ILE B 127 -5.38 7.62 -17.70
C ILE B 127 -5.01 7.10 -16.28
N VAL B 128 -5.84 6.24 -15.73
CA VAL B 128 -5.55 5.61 -14.39
C VAL B 128 -5.32 4.19 -14.62
N CYS B 129 -4.20 3.67 -14.11
CA CYS B 129 -3.87 2.31 -14.28
C CYS B 129 -3.90 1.56 -12.90
N VAL B 130 -4.48 0.37 -12.88
CA VAL B 130 -4.71 -0.35 -11.60
C VAL B 130 -4.36 -1.79 -11.80
N GLY B 131 -4.00 -2.44 -10.66
CA GLY B 131 -3.65 -3.82 -10.64
C GLY B 131 -4.73 -4.74 -10.04
N GLU B 132 -5.18 -5.70 -10.81
CA GLU B 132 -6.18 -6.67 -10.34
C GLU B 132 -5.57 -7.74 -9.33
N ARG B 133 -4.27 -8.05 -9.49
CA ARG B 133 -3.60 -9.02 -8.64
C ARG B 133 -3.14 -8.39 -7.33
N THR B 134 -3.05 -7.07 -7.35
CA THR B 134 -2.44 -6.29 -6.26
C THR B 134 -3.49 -5.59 -5.40
N THR B 135 -4.52 -5.01 -6.01
CA THR B 135 -5.44 -4.08 -5.31
C THR B 135 -6.82 -4.70 -5.29
N GLY B 136 -7.41 -4.78 -4.10
CA GLY B 136 -8.76 -5.31 -3.97
C GLY B 136 -9.78 -4.38 -4.64
N VAL B 137 -10.91 -4.93 -4.99
CA VAL B 137 -11.87 -4.17 -5.83
C VAL B 137 -12.48 -2.99 -5.20
N GLU B 138 -12.64 -3.01 -3.87
CA GLU B 138 -13.21 -1.85 -3.26
C GLU B 138 -12.26 -0.66 -3.20
N VAL B 139 -10.97 -0.96 -3.18
CA VAL B 139 -9.98 0.12 -3.36
C VAL B 139 -9.88 0.59 -4.87
N ILE B 140 -9.98 -0.35 -5.79
CA ILE B 140 -10.01 -0.03 -7.21
C ILE B 140 -11.20 0.96 -7.40
N ARG B 141 -12.35 0.67 -6.80
CA ARG B 141 -13.53 1.57 -6.89
C ARG B 141 -13.25 2.92 -6.39
N GLU B 142 -12.66 3.00 -5.21
CA GLU B 142 -12.27 4.29 -4.70
C GLU B 142 -11.28 5.05 -5.63
N ILE B 143 -10.32 4.32 -6.14
CA ILE B 143 -9.35 4.91 -7.04
C ILE B 143 -10.06 5.53 -8.26
N ILE B 144 -10.88 4.76 -8.92
CA ILE B 144 -11.57 5.22 -10.14
C ILE B 144 -12.43 6.42 -9.87
N ILE B 145 -13.25 6.38 -8.82
CA ILE B 145 -14.12 7.48 -8.46
C ILE B 145 -13.31 8.73 -8.18
N THR B 146 -12.28 8.60 -7.33
CA THR B 146 -11.50 9.73 -6.95
C THR B 146 -10.81 10.38 -8.20
N PHE B 147 -10.25 9.52 -9.03
CA PHE B 147 -9.52 9.97 -10.27
C PHE B 147 -10.46 10.81 -11.16
N LEU B 148 -11.66 10.27 -11.38
CA LEU B 148 -12.65 10.93 -12.26
C LEU B 148 -13.17 12.18 -11.65
N GLN B 149 -13.32 12.25 -10.35
CA GLN B 149 -13.93 13.39 -9.73
C GLN B 149 -12.95 14.45 -9.34
N THR B 150 -11.65 14.19 -9.27
CA THR B 150 -10.78 15.22 -8.71
C THR B 150 -10.30 16.11 -9.84
N PRO B 151 -10.39 17.44 -9.67
CA PRO B 151 -9.97 18.38 -10.74
C PRO B 151 -8.45 18.66 -10.74
N PHE B 152 -7.91 19.02 -11.91
CA PHE B 152 -6.55 19.50 -11.97
C PHE B 152 -6.34 20.83 -11.15
N SER B 153 -5.22 21.01 -10.40
CA SER B 153 -5.04 22.20 -9.64
C SER B 153 -5.10 23.54 -10.49
N GLY B 154 -4.63 23.53 -11.74
CA GLY B 154 -4.47 24.77 -12.54
C GLY B 154 -3.25 25.60 -12.13
N GLU B 155 -2.46 25.20 -11.13
CA GLU B 155 -1.37 26.07 -10.62
C GLU B 155 -0.24 26.15 -11.66
N GLU B 156 0.44 27.29 -11.73
CA GLU B 156 1.49 27.52 -12.78
C GLU B 156 2.60 26.46 -12.74
N ARG B 157 3.07 26.10 -11.54
CA ARG B 157 4.20 25.10 -11.46
C ARG B 157 3.79 23.72 -12.00
N HIS B 158 2.51 23.33 -11.81
CA HIS B 158 2.02 22.03 -12.37
C HIS B 158 1.90 22.07 -13.88
N ALA B 159 1.34 23.16 -14.39
CA ALA B 159 1.22 23.38 -15.84
C ALA B 159 2.58 23.44 -16.47
N ARG B 160 3.54 24.09 -15.80
CA ARG B 160 4.92 24.14 -16.38
C ARG B 160 5.54 22.74 -16.50
N ARG B 161 5.33 21.91 -15.46
CA ARG B 161 5.92 20.58 -15.44
C ARG B 161 5.28 19.71 -16.48
N ILE B 162 3.97 19.86 -16.63
CA ILE B 162 3.26 19.08 -17.63
C ILE B 162 3.76 19.48 -19.06
N GLU B 163 4.01 20.77 -19.26
CA GLU B 163 4.54 21.25 -20.59
C GLU B 163 5.95 20.70 -20.75
N LYS B 164 6.73 20.59 -19.66
CA LYS B 164 8.02 19.89 -19.78
C LYS B 164 7.92 18.48 -20.20
N ILE B 165 6.84 17.79 -19.77
CA ILE B 165 6.69 16.43 -20.25
C ILE B 165 6.43 16.46 -21.80
N ARG B 166 5.55 17.35 -22.24
CA ARG B 166 5.31 17.49 -23.72
C ARG B 166 6.63 17.79 -24.46
N ALA B 167 7.51 18.56 -23.87
CA ALA B 167 8.80 18.89 -24.54
C ALA B 167 9.69 17.68 -24.62
N ILE B 168 9.57 16.75 -23.65
CA ILE B 168 10.33 15.51 -23.78
C ILE B 168 9.80 14.70 -24.93
N GLU B 169 8.48 14.63 -25.05
CA GLU B 169 7.90 13.86 -26.15
C GLU B 169 8.32 14.50 -27.57
N ALA B 170 8.23 15.80 -27.65
CA ALA B 170 8.54 16.59 -28.89
C ALA B 170 10.02 16.41 -29.23
N SER B 171 10.91 16.41 -28.24
CA SER B 171 12.32 16.15 -28.48
C SER B 171 12.63 14.77 -29.00
N HIS B 172 11.72 13.81 -28.91
CA HIS B 172 11.95 12.46 -29.44
C HIS B 172 11.03 12.14 -30.61
N ALA B 173 10.18 13.08 -31.06
CA ALA B 173 9.36 12.93 -32.28
C ALA B 173 10.21 13.46 -33.46
N HIS C 20 32.11 -9.16 -15.58
CA HIS C 20 32.12 -8.79 -14.13
C HIS C 20 32.52 -7.29 -13.87
N MET C 21 32.03 -6.43 -14.74
CA MET C 21 31.82 -5.04 -14.41
C MET C 21 30.77 -4.84 -13.29
N THR C 22 30.81 -3.73 -12.56
CA THR C 22 29.74 -3.35 -11.72
C THR C 22 28.62 -2.78 -12.59
N ARG C 23 27.53 -2.43 -11.95
CA ARG C 23 26.21 -2.15 -12.61
C ARG C 23 25.85 -0.79 -12.18
N ARG C 24 25.81 0.18 -13.09
CA ARG C 24 25.66 1.54 -12.66
C ARG C 24 24.12 1.84 -12.55
N VAL C 25 23.79 2.67 -11.56
CA VAL C 25 22.40 3.03 -11.24
C VAL C 25 22.29 4.48 -11.08
N ALA C 26 21.72 5.18 -12.09
CA ALA C 26 21.56 6.58 -12.00
C ALA C 26 20.35 6.90 -11.04
N ILE C 27 20.46 7.98 -10.30
CA ILE C 27 19.50 8.41 -9.31
C ILE C 27 19.15 9.85 -9.50
N GLY C 28 17.85 10.16 -9.54
CA GLY C 28 17.41 11.55 -9.49
C GLY C 28 16.18 11.76 -8.63
N THR C 29 15.99 13.00 -8.21
CA THR C 29 14.88 13.43 -7.41
C THR C 29 14.32 14.76 -7.84
N ASP C 30 13.17 15.11 -7.22
CA ASP C 30 12.61 16.43 -7.28
C ASP C 30 12.98 17.11 -5.96
N HIS C 31 12.33 18.18 -5.63
CA HIS C 31 12.63 18.86 -4.40
C HIS C 31 12.18 18.14 -3.12
N PRO C 32 10.93 17.71 -3.02
CA PRO C 32 10.59 16.90 -1.78
C PRO C 32 11.37 15.64 -1.54
N ALA C 33 11.77 14.97 -2.60
CA ALA C 33 12.54 13.79 -2.46
C ALA C 33 14.01 14.04 -2.35
N PHE C 34 14.43 15.30 -2.52
CA PHE C 34 15.86 15.62 -2.23
C PHE C 34 16.19 15.27 -0.76
N ALA C 35 15.22 15.41 0.13
CA ALA C 35 15.38 15.05 1.55
C ALA C 35 15.80 13.60 1.74
N ILE C 36 15.52 12.70 0.82
CA ILE C 36 15.98 11.34 0.95
C ILE C 36 17.07 10.89 -0.05
N HIS C 37 17.76 11.83 -0.69
CA HIS C 37 18.70 11.45 -1.79
C HIS C 37 19.83 10.66 -1.25
N GLU C 38 20.25 10.95 -0.01
CA GLU C 38 21.33 10.10 0.60
C GLU C 38 20.86 8.67 0.88
N ASN C 39 19.60 8.54 1.35
CA ASN C 39 19.03 7.19 1.59
C ASN C 39 19.03 6.44 0.27
N LEU C 40 18.59 7.12 -0.82
CA LEU C 40 18.49 6.36 -2.11
C LEU C 40 19.93 5.86 -2.55
N ILE C 41 20.95 6.71 -2.35
CA ILE C 41 22.34 6.29 -2.71
C ILE C 41 22.70 5.05 -1.87
N LEU C 42 22.44 5.18 -0.56
CA LEU C 42 22.71 4.06 0.38
C LEU C 42 22.01 2.80 -0.03
N TYR C 43 20.70 2.88 -0.40
CA TYR C 43 20.00 1.63 -0.62
C TYR C 43 20.44 0.93 -1.83
N VAL C 44 20.90 1.74 -2.82
CA VAL C 44 21.51 1.11 -4.02
C VAL C 44 22.74 0.29 -3.62
N LYS C 45 23.58 0.90 -2.81
CA LYS C 45 24.77 0.19 -2.32
C LYS C 45 24.42 -1.05 -1.53
N GLU C 46 23.32 -0.97 -0.74
CA GLU C 46 22.87 -2.15 0.03
C GLU C 46 22.34 -3.23 -0.77
N ALA C 47 22.01 -2.99 -2.04
CA ALA C 47 21.62 -4.08 -2.88
C ALA C 47 22.72 -5.02 -3.26
N GLY C 48 23.95 -4.58 -3.11
CA GLY C 48 25.08 -5.48 -3.31
C GLY C 48 26.27 -4.61 -3.85
N ASP C 49 27.50 -5.09 -3.61
CA ASP C 49 28.73 -4.40 -4.08
C ASP C 49 28.81 -4.27 -5.64
N GLU C 50 28.14 -5.14 -6.38
CA GLU C 50 28.09 -4.97 -7.82
CA GLU C 50 27.95 -5.09 -7.84
C GLU C 50 27.25 -3.78 -8.30
N PHE C 51 26.53 -3.07 -7.42
CA PHE C 51 25.74 -1.89 -7.86
C PHE C 51 26.33 -0.57 -7.42
N VAL C 52 26.51 0.38 -8.36
CA VAL C 52 27.12 1.64 -8.06
C VAL C 52 26.17 2.71 -8.29
N PRO C 53 25.95 3.58 -7.30
CA PRO C 53 25.03 4.64 -7.53
C PRO C 53 25.68 5.78 -8.25
N VAL C 54 24.93 6.46 -9.10
CA VAL C 54 25.38 7.63 -9.81
C VAL C 54 24.41 8.70 -9.59
N TYR C 55 24.70 9.66 -8.70
CA TYR C 55 23.73 10.62 -8.33
C TYR C 55 23.70 11.77 -9.33
N CYS C 56 22.56 11.99 -9.96
CA CYS C 56 22.34 13.03 -10.95
C CYS C 56 21.36 14.08 -10.56
N GLY C 57 20.80 13.94 -9.36
CA GLY C 57 19.69 14.76 -8.89
C GLY C 57 20.04 16.12 -8.46
N PRO C 58 19.08 16.86 -7.92
CA PRO C 58 19.47 18.19 -7.48
C PRO C 58 20.54 18.14 -6.36
N LYS C 59 21.49 19.06 -6.44
CA LYS C 59 22.59 19.04 -5.45
C LYS C 59 22.27 19.80 -4.23
N THR C 60 21.20 20.53 -4.31
CA THR C 60 20.79 21.50 -3.35
C THR C 60 19.27 21.38 -3.10
N ALA C 61 18.76 22.04 -2.07
CA ALA C 61 17.36 22.11 -1.81
C ALA C 61 16.61 23.23 -2.57
N GLU C 62 17.21 23.81 -3.61
CA GLU C 62 16.54 24.72 -4.57
C GLU C 62 15.21 24.08 -5.17
N SER C 63 14.32 24.91 -5.69
CA SER C 63 13.20 24.53 -6.55
C SER C 63 13.63 23.83 -7.78
N VAL C 64 12.95 22.76 -8.14
CA VAL C 64 13.25 22.03 -9.31
C VAL C 64 11.92 21.48 -9.87
N ASP C 65 11.96 21.15 -11.14
CA ASP C 65 10.83 20.55 -11.80
C ASP C 65 11.18 19.11 -12.09
N TYR C 66 10.37 18.16 -11.60
CA TYR C 66 10.73 16.73 -11.78
C TYR C 66 11.05 16.28 -13.16
N PRO C 67 10.39 16.81 -14.22
CA PRO C 67 10.74 16.25 -15.49
C PRO C 67 12.18 16.45 -15.98
N ASP C 68 12.82 17.50 -15.52
CA ASP C 68 14.25 17.82 -15.87
C ASP C 68 15.13 16.70 -15.30
N PHE C 69 14.79 16.17 -14.11
CA PHE C 69 15.61 15.05 -13.55
C PHE C 69 15.18 13.75 -14.04
N ALA C 70 13.86 13.58 -14.29
CA ALA C 70 13.47 12.36 -14.91
C ALA C 70 14.20 12.18 -16.26
N SER C 71 14.22 13.26 -17.02
CA SER C 71 14.79 13.21 -18.41
C SER C 71 16.35 12.87 -18.35
N ARG C 72 17.03 13.53 -17.44
CA ARG C 72 18.44 13.27 -17.24
C ARG C 72 18.71 11.82 -16.95
N VAL C 73 17.98 11.22 -15.98
CA VAL C 73 18.16 9.80 -15.72
C VAL C 73 17.76 8.91 -16.83
N ALA C 74 16.57 9.21 -17.34
CA ALA C 74 16.04 8.34 -18.39
C ALA C 74 16.93 8.27 -19.66
N GLU C 75 17.48 9.42 -20.01
CA GLU C 75 18.47 9.49 -21.17
C GLU C 75 19.69 8.71 -20.93
N MET C 76 20.14 8.74 -19.70
CA MET C 76 21.27 7.84 -19.33
C MET C 76 20.98 6.42 -19.44
N VAL C 77 19.77 5.99 -19.04
CA VAL C 77 19.41 4.62 -19.24
C VAL C 77 19.21 4.27 -20.71
N ALA C 78 18.52 5.14 -21.45
CA ALA C 78 18.22 4.82 -22.88
C ALA C 78 19.54 4.79 -23.69
N ARG C 79 20.52 5.62 -23.43
N ARG C 79 20.44 5.72 -23.40
CA ARG C 79 21.85 5.50 -24.15
CA ARG C 79 21.82 5.75 -23.98
C ARG C 79 22.77 4.39 -23.62
C ARG C 79 22.79 4.71 -23.47
N LYS C 80 22.36 3.84 -22.52
CA LYS C 80 23.15 2.81 -21.82
C LYS C 80 24.41 3.21 -21.10
N GLU C 81 24.45 4.46 -20.74
CA GLU C 81 25.51 4.96 -19.89
C GLU C 81 25.40 4.33 -18.50
N VAL C 82 24.14 4.02 -18.10
CA VAL C 82 23.88 3.17 -16.87
C VAL C 82 22.98 2.03 -17.24
N GLU C 83 22.87 1.04 -16.36
CA GLU C 83 22.01 -0.05 -16.57
C GLU C 83 20.59 0.27 -16.00
N PHE C 84 20.51 0.90 -14.85
CA PHE C 84 19.25 1.17 -14.21
C PHE C 84 19.18 2.56 -13.77
N GLY C 85 17.94 3.00 -13.45
CA GLY C 85 17.64 4.23 -12.90
C GLY C 85 16.69 4.07 -11.66
N VAL C 86 16.81 5.04 -10.77
CA VAL C 86 16.01 5.27 -9.60
C VAL C 86 15.56 6.68 -9.64
N LEU C 87 14.24 6.91 -9.63
CA LEU C 87 13.66 8.24 -9.56
C LEU C 87 12.74 8.40 -8.39
N ALA C 88 12.84 9.53 -7.70
CA ALA C 88 11.90 9.80 -6.62
C ALA C 88 11.30 11.15 -6.74
N CYS C 89 10.00 11.23 -6.45
CA CYS C 89 9.36 12.50 -6.32
C CYS C 89 8.31 12.35 -5.20
N GLY C 90 7.39 13.32 -5.11
CA GLY C 90 6.29 13.31 -4.17
C GLY C 90 5.64 11.97 -4.09
N SER C 91 5.10 11.48 -5.21
CA SER C 91 4.35 10.21 -5.23
C SER C 91 5.00 9.15 -6.07
N GLY C 92 6.00 9.54 -6.87
CA GLY C 92 6.56 8.64 -7.83
C GLY C 92 5.92 8.76 -9.23
N ILE C 93 4.68 9.18 -9.26
CA ILE C 93 3.91 9.13 -10.51
C ILE C 93 4.44 10.09 -11.61
N GLY C 94 4.65 11.31 -11.22
CA GLY C 94 5.28 12.32 -12.12
C GLY C 94 6.50 11.73 -12.83
N MET C 95 7.46 11.17 -12.05
CA MET C 95 8.65 10.57 -12.58
C MET C 95 8.35 9.47 -13.49
N SER C 96 7.40 8.59 -13.18
CA SER C 96 7.15 7.51 -14.09
C SER C 96 6.54 7.99 -15.43
N ILE C 97 5.72 9.00 -15.39
CA ILE C 97 5.13 9.53 -16.64
C ILE C 97 6.24 10.15 -17.53
N ALA C 98 7.05 10.98 -16.94
CA ALA C 98 8.14 11.67 -17.64
C ALA C 98 9.16 10.76 -18.18
N ALA C 99 9.62 9.81 -17.38
CA ALA C 99 10.65 8.92 -17.82
C ALA C 99 10.24 7.99 -18.89
N ASN C 100 8.97 7.60 -18.89
CA ASN C 100 8.56 6.67 -19.90
C ASN C 100 8.38 7.39 -21.31
N LYS C 101 8.43 8.69 -21.33
CA LYS C 101 8.40 9.42 -22.64
C LYS C 101 9.74 9.31 -23.37
N VAL C 102 10.79 8.80 -22.73
CA VAL C 102 12.05 8.46 -23.45
C VAL C 102 12.03 7.07 -24.01
N PRO C 103 12.22 6.93 -25.36
CA PRO C 103 12.28 5.58 -25.92
C PRO C 103 13.37 4.71 -25.37
N GLY C 104 13.07 3.43 -25.18
CA GLY C 104 13.95 2.52 -24.55
C GLY C 104 13.76 2.41 -23.00
N VAL C 105 13.09 3.36 -22.37
CA VAL C 105 12.87 3.34 -20.93
C VAL C 105 11.60 2.51 -20.58
N ARG C 106 11.67 1.65 -19.56
CA ARG C 106 10.45 0.99 -18.99
C ARG C 106 10.49 1.40 -17.47
N ALA C 107 9.77 2.47 -17.10
CA ALA C 107 9.88 3.06 -15.82
C ALA C 107 8.62 2.58 -15.03
N ALA C 108 8.87 1.96 -13.88
CA ALA C 108 7.84 1.31 -13.07
C ALA C 108 7.62 2.09 -11.78
N LEU C 109 6.39 2.56 -11.57
CA LEU C 109 6.05 3.11 -10.25
CA LEU C 109 5.94 3.11 -10.28
C LEU C 109 5.84 1.93 -9.30
N CYS C 110 6.68 1.88 -8.27
CA CYS C 110 6.65 0.79 -7.33
C CYS C 110 6.40 1.32 -5.91
N TYR C 111 5.59 0.54 -5.16
CA TYR C 111 5.19 0.97 -3.81
C TYR C 111 5.32 -0.15 -2.76
N ASP C 112 5.85 -1.32 -3.11
CA ASP C 112 5.95 -2.49 -2.25
C ASP C 112 6.83 -3.45 -2.92
N HIS C 113 7.15 -4.49 -2.18
CA HIS C 113 7.94 -5.56 -2.69
C HIS C 113 7.41 -6.22 -3.99
N TYR C 114 6.15 -6.56 -3.99
CA TYR C 114 5.54 -7.29 -5.12
C TYR C 114 5.71 -6.44 -6.40
N THR C 115 5.37 -5.17 -6.34
CA THR C 115 5.47 -4.34 -7.55
C THR C 115 6.96 -4.24 -8.06
N ALA C 116 7.89 -4.00 -7.15
CA ALA C 116 9.29 -4.00 -7.41
C ALA C 116 9.71 -5.27 -8.11
N ALA C 117 9.37 -6.42 -7.58
CA ALA C 117 9.76 -7.65 -8.16
C ALA C 117 9.09 -7.88 -9.54
N ILE C 118 7.77 -7.68 -9.58
CA ILE C 118 7.06 -8.07 -10.75
C ILE C 118 7.39 -7.16 -11.98
N SER C 119 7.76 -5.91 -11.72
CA SER C 119 8.20 -4.96 -12.76
CA SER C 119 8.20 -5.00 -12.78
C SER C 119 9.45 -5.48 -13.49
N ARG C 120 10.31 -6.14 -12.73
CA ARG C 120 11.47 -6.87 -13.26
C ARG C 120 11.12 -8.16 -13.98
N ILE C 121 10.40 -9.02 -13.29
CA ILE C 121 10.06 -10.31 -13.79
C ILE C 121 9.26 -10.23 -15.10
N HIS C 122 8.23 -9.42 -15.13
CA HIS C 122 7.35 -9.35 -16.26
C HIS C 122 7.80 -8.33 -17.29
N ASN C 123 8.24 -7.13 -16.88
CA ASN C 123 8.48 -6.05 -17.76
C ASN C 123 9.95 -5.67 -17.99
N ASP C 124 10.86 -6.40 -17.38
CA ASP C 124 12.26 -6.02 -17.46
C ASP C 124 12.44 -4.58 -17.28
N ALA C 125 11.76 -4.07 -16.25
CA ALA C 125 11.81 -2.67 -16.00
C ALA C 125 13.26 -2.14 -15.76
N ASN C 126 13.60 -0.95 -16.24
CA ASN C 126 15.00 -0.43 -16.08
C ASN C 126 15.02 0.78 -15.23
N ILE C 127 13.85 1.34 -14.89
CA ILE C 127 13.82 2.46 -13.95
C ILE C 127 12.72 2.20 -12.88
N VAL C 128 13.04 2.41 -11.59
CA VAL C 128 12.06 2.30 -10.51
C VAL C 128 11.76 3.67 -10.04
N CYS C 129 10.45 4.02 -9.92
CA CYS C 129 10.02 5.31 -9.43
C CYS C 129 9.31 5.14 -8.06
N VAL C 130 9.62 6.04 -7.14
CA VAL C 130 9.05 5.92 -5.77
C VAL C 130 8.62 7.25 -5.28
N GLY C 131 7.71 7.27 -4.29
CA GLY C 131 7.26 8.51 -3.75
C GLY C 131 7.76 8.74 -2.35
N GLU C 132 8.34 9.90 -2.11
CA GLU C 132 8.81 10.30 -0.76
C GLU C 132 7.70 10.73 0.18
N ARG C 133 6.61 11.31 -0.37
CA ARG C 133 5.44 11.74 0.42
C ARG C 133 4.47 10.58 0.74
N THR C 134 4.57 9.53 -0.04
CA THR C 134 3.70 8.36 0.08
C THR C 134 4.28 7.15 0.76
N THR C 135 5.57 6.86 0.52
CA THR C 135 6.19 5.63 0.90
C THR C 135 7.32 5.92 1.90
N GLY C 136 7.25 5.26 3.07
CA GLY C 136 8.31 5.41 4.05
C GLY C 136 9.65 4.82 3.59
N VAL C 137 10.73 5.30 4.18
CA VAL C 137 12.09 4.95 3.69
C VAL C 137 12.49 3.57 3.80
N GLU C 138 11.93 2.79 4.75
CA GLU C 138 12.34 1.42 4.80
C GLU C 138 11.66 0.59 3.73
N VAL C 139 10.48 0.98 3.32
CA VAL C 139 9.85 0.29 2.18
C VAL C 139 10.53 0.76 0.82
N ILE C 140 10.93 2.02 0.74
CA ILE C 140 11.76 2.52 -0.44
C ILE C 140 12.99 1.69 -0.52
N ARG C 141 13.64 1.40 0.61
CA ARG C 141 14.80 0.55 0.61
C ARG C 141 14.53 -0.80 0.07
N GLU C 142 13.45 -1.44 0.58
CA GLU C 142 13.11 -2.74 0.11
C GLU C 142 12.81 -2.74 -1.41
N ILE C 143 12.06 -1.73 -1.85
CA ILE C 143 11.74 -1.62 -3.28
C ILE C 143 13.03 -1.55 -4.15
N ILE C 144 13.95 -0.70 -3.76
CA ILE C 144 15.23 -0.54 -4.51
C ILE C 144 16.01 -1.81 -4.55
N ILE C 145 16.18 -2.45 -3.38
CA ILE C 145 16.95 -3.65 -3.34
C ILE C 145 16.32 -4.79 -4.13
N THR C 146 14.98 -4.93 -4.02
CA THR C 146 14.28 -5.95 -4.76
C THR C 146 14.36 -5.67 -6.27
N PHE C 147 14.18 -4.39 -6.64
CA PHE C 147 14.18 -4.05 -8.07
C PHE C 147 15.55 -4.47 -8.66
N LEU C 148 16.60 -4.08 -8.00
CA LEU C 148 17.99 -4.32 -8.55
C LEU C 148 18.29 -5.78 -8.49
N GLN C 149 17.83 -6.49 -7.47
CA GLN C 149 18.25 -7.91 -7.40
C GLN C 149 17.42 -8.83 -8.24
N THR C 150 16.21 -8.46 -8.61
CA THR C 150 15.32 -9.42 -9.27
C THR C 150 15.56 -9.55 -10.77
N PRO C 151 15.69 -10.80 -11.28
CA PRO C 151 15.94 -10.88 -12.75
C PRO C 151 14.68 -10.89 -13.58
N PHE C 152 14.86 -10.56 -14.87
CA PHE C 152 13.79 -10.73 -15.84
C PHE C 152 13.38 -12.19 -16.01
N SER C 153 12.06 -12.53 -16.18
CA SER C 153 11.64 -13.91 -16.29
C SER C 153 12.33 -14.71 -17.44
N GLY C 154 12.69 -14.03 -18.53
CA GLY C 154 13.12 -14.64 -19.79
C GLY C 154 11.98 -15.30 -20.61
N GLU C 155 10.74 -15.23 -20.18
CA GLU C 155 9.68 -16.04 -20.81
C GLU C 155 9.22 -15.33 -22.10
N GLU C 156 8.86 -16.13 -23.07
CA GLU C 156 8.54 -15.65 -24.42
C GLU C 156 7.38 -14.66 -24.44
N ARG C 157 6.34 -14.92 -23.64
CA ARG C 157 5.23 -13.99 -23.59
C ARG C 157 5.58 -12.63 -23.03
N HIS C 158 6.50 -12.60 -22.08
CA HIS C 158 6.94 -11.31 -21.56
C HIS C 158 7.79 -10.58 -22.56
N ALA C 159 8.73 -11.31 -23.17
CA ALA C 159 9.54 -10.70 -24.23
C ALA C 159 8.68 -10.18 -25.36
N ARG C 160 7.63 -10.92 -25.70
CA ARG C 160 6.70 -10.48 -26.77
C ARG C 160 6.00 -9.15 -26.38
N ARG C 161 5.61 -9.02 -25.14
CA ARG C 161 4.90 -7.82 -24.72
C ARG C 161 5.81 -6.66 -24.65
N ILE C 162 7.05 -6.89 -24.21
CA ILE C 162 8.01 -5.80 -24.16
C ILE C 162 8.33 -5.27 -25.60
N GLU C 163 8.40 -6.21 -26.53
CA GLU C 163 8.62 -5.88 -28.01
C GLU C 163 7.42 -5.08 -28.54
N LYS C 164 6.21 -5.43 -28.11
CA LYS C 164 5.05 -4.56 -28.40
C LYS C 164 5.13 -3.16 -27.87
N ILE C 165 5.70 -2.99 -26.67
CA ILE C 165 5.91 -1.65 -26.21
C ILE C 165 6.88 -0.82 -27.12
N ARG C 166 7.94 -1.45 -27.53
CA ARG C 166 8.93 -0.88 -28.50
C ARG C 166 8.22 -0.54 -29.82
N ALA C 167 7.30 -1.41 -30.26
CA ALA C 167 6.49 -1.13 -31.52
C ALA C 167 5.61 0.05 -31.35
N ILE C 168 5.07 0.31 -30.14
CA ILE C 168 4.35 1.58 -29.86
C ILE C 168 5.25 2.77 -29.92
N GLU C 169 6.49 2.72 -29.37
CA GLU C 169 7.38 3.85 -29.46
C GLU C 169 7.74 4.11 -30.98
N ALA C 170 8.00 3.04 -31.69
CA ALA C 170 8.48 3.16 -33.12
C ALA C 170 7.33 3.75 -34.00
N SER C 171 6.07 3.41 -33.69
CA SER C 171 4.92 3.92 -34.45
C SER C 171 4.74 5.42 -34.19
N HIS C 172 5.40 6.02 -33.18
CA HIS C 172 5.30 7.45 -32.96
C HIS C 172 6.66 8.18 -33.12
N ALA C 173 7.69 7.44 -33.52
CA ALA C 173 9.03 7.94 -33.96
C ALA C 173 9.01 8.24 -35.48
N SER D 19 -18.64 27.48 20.94
CA SER D 19 -19.20 26.40 20.07
C SER D 19 -18.31 25.12 20.02
N HIS D 20 -18.96 24.06 19.65
CA HIS D 20 -18.37 22.71 19.66
C HIS D 20 -18.17 22.11 21.05
N MET D 21 -18.17 20.79 21.11
CA MET D 21 -17.55 20.10 22.21
C MET D 21 -16.12 19.83 21.88
N THR D 22 -15.24 20.18 22.77
CA THR D 22 -13.86 19.77 22.61
C THR D 22 -13.70 18.22 22.60
N ARG D 23 -12.91 17.71 21.65
CA ARG D 23 -12.60 16.25 21.57
C ARG D 23 -11.08 16.11 21.61
N ARG D 24 -10.58 15.56 22.69
CA ARG D 24 -9.17 15.41 22.86
C ARG D 24 -8.72 14.13 22.17
N VAL D 25 -7.49 14.19 21.66
CA VAL D 25 -6.89 13.11 20.93
C VAL D 25 -5.48 12.90 21.50
N ALA D 26 -5.23 11.78 22.18
CA ALA D 26 -3.95 11.51 22.71
C ALA D 26 -3.03 10.95 21.62
N ILE D 27 -1.78 11.39 21.61
CA ILE D 27 -0.78 10.96 20.66
C ILE D 27 0.43 10.34 21.33
N GLY D 28 0.86 9.20 20.81
CA GLY D 28 2.09 8.56 21.29
C GLY D 28 2.92 7.98 20.18
N THR D 29 4.24 7.91 20.37
CA THR D 29 5.16 7.29 19.39
C THR D 29 6.19 6.42 20.06
N ASP D 30 6.97 5.72 19.25
CA ASP D 30 8.21 5.08 19.63
C ASP D 30 9.35 5.99 19.18
N HIS D 31 10.55 5.43 19.14
CA HIS D 31 11.70 6.25 18.76
C HIS D 31 11.73 6.63 17.27
N PRO D 32 11.63 5.67 16.35
CA PRO D 32 11.64 6.15 14.95
C PRO D 32 10.53 7.14 14.60
N ALA D 33 9.34 7.02 15.20
CA ALA D 33 8.28 7.92 14.83
C ALA D 33 8.31 9.20 15.64
N PHE D 34 9.20 9.30 16.64
CA PHE D 34 9.34 10.60 17.34
C PHE D 34 9.74 11.70 16.35
N ALA D 35 10.43 11.30 15.28
CA ALA D 35 10.81 12.27 14.20
C ALA D 35 9.60 12.93 13.61
N ILE D 36 8.40 12.29 13.62
CA ILE D 36 7.23 12.92 13.05
C ILE D 36 6.19 13.37 14.09
N HIS D 37 6.56 13.44 15.34
CA HIS D 37 5.50 13.75 16.36
C HIS D 37 4.86 15.11 16.18
N GLU D 38 5.61 16.09 15.64
CA GLU D 38 5.03 17.44 15.40
C GLU D 38 4.07 17.41 14.26
N ASN D 39 4.38 16.57 13.28
CA ASN D 39 3.42 16.32 12.16
C ASN D 39 2.10 15.77 12.68
N LEU D 40 2.20 14.74 13.51
CA LEU D 40 0.98 14.11 14.07
C LEU D 40 0.12 15.14 14.79
N ILE D 41 0.75 15.96 15.64
CA ILE D 41 -0.01 17.07 16.37
C ILE D 41 -0.75 17.97 15.39
N LEU D 42 -0.05 18.39 14.33
CA LEU D 42 -0.65 19.23 13.31
C LEU D 42 -1.78 18.57 12.59
N TYR D 43 -1.62 17.28 12.22
CA TYR D 43 -2.62 16.65 11.40
C TYR D 43 -3.91 16.48 12.22
N VAL D 44 -3.77 16.27 13.50
CA VAL D 44 -4.95 16.11 14.38
C VAL D 44 -5.68 17.47 14.38
N LYS D 45 -4.94 18.58 14.52
CA LYS D 45 -5.68 19.92 14.42
C LYS D 45 -6.33 20.19 13.13
N GLU D 46 -5.74 19.70 12.04
CA GLU D 46 -6.34 19.92 10.73
C GLU D 46 -7.59 19.17 10.53
N ALA D 47 -7.89 18.18 11.36
CA ALA D 47 -9.15 17.47 11.16
C ALA D 47 -10.32 18.30 11.57
N GLY D 48 -10.11 19.27 12.40
CA GLY D 48 -11.19 20.21 12.65
C GLY D 48 -10.92 20.92 13.98
N ASP D 49 -11.52 22.11 14.17
CA ASP D 49 -11.13 22.90 15.30
C ASP D 49 -11.76 22.37 16.58
N GLU D 50 -12.64 21.36 16.57
CA GLU D 50 -13.06 20.70 17.88
C GLU D 50 -11.97 19.80 18.45
N PHE D 51 -10.97 19.41 17.64
CA PHE D 51 -10.02 18.41 18.07
C PHE D 51 -8.85 19.01 18.76
N VAL D 52 -8.44 18.47 19.91
CA VAL D 52 -7.35 19.01 20.65
C VAL D 52 -6.36 17.91 20.89
N PRO D 53 -5.15 18.03 20.32
CA PRO D 53 -4.10 17.01 20.54
C PRO D 53 -3.51 17.07 21.90
N VAL D 54 -3.24 15.92 22.53
CA VAL D 54 -2.62 15.77 23.82
C VAL D 54 -1.43 14.87 23.59
N TYR D 55 -0.25 15.45 23.45
CA TYR D 55 0.95 14.67 23.19
C TYR D 55 1.46 13.90 24.41
N CYS D 56 1.50 12.58 24.35
CA CYS D 56 1.93 11.76 25.46
C CYS D 56 3.13 10.95 25.19
N GLY D 57 3.72 11.13 24.01
CA GLY D 57 4.82 10.31 23.50
C GLY D 57 6.13 10.71 24.05
N PRO D 58 7.21 10.07 23.60
CA PRO D 58 8.50 10.47 24.15
C PRO D 58 8.83 11.95 23.93
N LYS D 59 9.46 12.52 24.92
CA LYS D 59 9.75 14.01 24.90
C LYS D 59 11.07 14.25 24.24
N THR D 60 11.94 13.23 24.18
CA THR D 60 13.20 13.37 23.43
C THR D 60 13.42 12.19 22.52
N ALA D 61 14.56 12.26 21.84
CA ALA D 61 15.10 11.21 21.01
C ALA D 61 15.74 9.97 21.72
N GLU D 62 15.66 9.90 23.03
CA GLU D 62 15.97 8.70 23.88
C GLU D 62 15.28 7.37 23.36
N SER D 63 15.91 6.25 23.66
CA SER D 63 15.39 4.91 23.32
C SER D 63 14.14 4.66 24.10
N VAL D 64 13.16 4.06 23.47
CA VAL D 64 11.91 3.70 24.16
C VAL D 64 11.39 2.38 23.62
N ASP D 65 10.49 1.82 24.37
CA ASP D 65 9.79 0.61 23.99
C ASP D 65 8.35 0.97 23.66
N TYR D 66 7.92 0.67 22.42
CA TYR D 66 6.58 1.12 21.98
C TYR D 66 5.39 0.72 22.94
N PRO D 67 5.42 -0.46 23.53
CA PRO D 67 4.32 -0.82 24.39
C PRO D 67 4.09 0.12 25.56
N ASP D 68 5.11 0.81 26.04
CA ASP D 68 4.93 1.82 27.12
C ASP D 68 4.08 2.98 26.69
N PHE D 69 4.22 3.42 25.44
CA PHE D 69 3.40 4.52 24.92
C PHE D 69 2.06 4.08 24.39
N ALA D 70 2.01 2.90 23.78
CA ALA D 70 0.72 2.27 23.41
C ALA D 70 -0.15 2.19 24.68
N SER D 71 0.42 1.78 25.81
CA SER D 71 -0.35 1.59 27.05
C SER D 71 -0.86 2.91 27.61
N ARG D 72 -0.01 3.91 27.61
CA ARG D 72 -0.39 5.19 28.05
C ARG D 72 -1.55 5.79 27.28
N VAL D 73 -1.46 5.78 25.96
CA VAL D 73 -2.54 6.30 25.12
C VAL D 73 -3.81 5.44 25.23
N ALA D 74 -3.64 4.11 25.21
CA ALA D 74 -4.75 3.20 25.25
C ALA D 74 -5.54 3.32 26.58
N GLU D 75 -4.81 3.50 27.67
CA GLU D 75 -5.49 3.70 28.99
C GLU D 75 -6.28 4.98 29.01
N MET D 76 -5.76 6.02 28.37
CA MET D 76 -6.47 7.29 28.27
C MET D 76 -7.73 7.19 27.47
N VAL D 77 -7.65 6.45 26.36
CA VAL D 77 -8.84 6.23 25.57
C VAL D 77 -9.84 5.39 26.36
N ALA D 78 -9.39 4.35 27.03
CA ALA D 78 -10.30 3.38 27.67
C ALA D 78 -11.04 4.09 28.79
N ARG D 79 -10.39 5.01 29.48
CA ARG D 79 -11.10 5.88 30.45
C ARG D 79 -11.92 7.05 29.89
N LYS D 80 -11.64 7.37 28.65
CA LYS D 80 -12.21 8.52 28.04
C LYS D 80 -11.72 9.81 28.70
N GLU D 81 -10.46 9.78 29.11
CA GLU D 81 -9.70 11.04 29.28
C GLU D 81 -9.55 11.74 27.94
N VAL D 82 -9.53 10.96 26.84
CA VAL D 82 -9.57 11.50 25.48
C VAL D 82 -10.52 10.61 24.75
N GLU D 83 -11.07 11.05 23.67
CA GLU D 83 -11.99 10.27 22.86
C GLU D 83 -11.23 9.41 21.86
N PHE D 84 -10.10 9.89 21.34
CA PHE D 84 -9.38 9.14 20.32
C PHE D 84 -7.91 9.12 20.63
N GLY D 85 -7.20 8.17 20.00
CA GLY D 85 -5.78 8.14 20.09
C GLY D 85 -5.15 8.01 18.70
N VAL D 86 -3.91 8.44 18.60
CA VAL D 86 -3.03 8.26 17.46
C VAL D 86 -1.75 7.65 17.93
N LEU D 87 -1.40 6.48 17.42
CA LEU D 87 -0.14 5.83 17.78
C LEU D 87 0.73 5.65 16.54
N ALA D 88 2.00 5.98 16.63
CA ALA D 88 2.94 5.70 15.50
C ALA D 88 4.19 4.99 15.95
N CYS D 89 4.58 3.96 15.20
CA CYS D 89 5.85 3.27 15.44
C CYS D 89 6.40 2.99 14.07
N GLY D 90 7.35 2.10 13.93
CA GLY D 90 7.94 1.72 12.66
C GLY D 90 6.98 1.39 11.57
N SER D 91 6.12 0.41 11.86
CA SER D 91 5.15 -0.06 10.88
C SER D 91 3.74 0.23 11.29
N GLY D 92 3.53 0.55 12.59
CA GLY D 92 2.17 0.66 13.10
C GLY D 92 1.69 -0.60 13.83
N ILE D 93 2.21 -1.71 13.43
CA ILE D 93 1.76 -3.05 13.89
C ILE D 93 1.95 -3.32 15.38
N GLY D 94 3.12 -2.99 15.89
CA GLY D 94 3.31 -3.16 17.32
C GLY D 94 2.35 -2.39 18.16
N MET D 95 2.17 -1.10 17.86
CA MET D 95 1.19 -0.24 18.49
C MET D 95 -0.23 -0.82 18.43
N SER D 96 -0.62 -1.35 17.29
CA SER D 96 -1.92 -1.94 17.25
C SER D 96 -2.09 -3.17 18.10
N ILE D 97 -1.11 -4.04 18.14
CA ILE D 97 -1.17 -5.22 18.94
C ILE D 97 -1.25 -4.79 20.44
N ALA D 98 -0.35 -3.94 20.89
CA ALA D 98 -0.33 -3.51 22.25
C ALA D 98 -1.55 -2.77 22.68
N ALA D 99 -2.01 -1.81 21.90
CA ALA D 99 -3.11 -0.96 22.31
C ALA D 99 -4.38 -1.79 22.44
N ASN D 100 -4.52 -2.80 21.55
CA ASN D 100 -5.70 -3.62 21.59
C ASN D 100 -5.77 -4.56 22.82
N LYS D 101 -4.70 -4.69 23.57
CA LYS D 101 -4.71 -5.43 24.81
C LYS D 101 -5.41 -4.71 25.95
N VAL D 102 -5.78 -3.45 25.78
CA VAL D 102 -6.52 -2.68 26.75
C VAL D 102 -8.01 -2.77 26.42
N PRO D 103 -8.84 -3.29 27.39
CA PRO D 103 -10.27 -3.35 27.17
C PRO D 103 -10.93 -2.03 26.89
N GLY D 104 -11.83 -2.00 25.91
CA GLY D 104 -12.47 -0.75 25.49
C GLY D 104 -11.76 -0.12 24.26
N VAL D 105 -10.53 -0.50 23.99
CA VAL D 105 -9.83 0.01 22.84
C VAL D 105 -10.16 -0.77 21.60
N ARG D 106 -10.28 -0.06 20.48
CA ARG D 106 -10.40 -0.72 19.14
C ARG D 106 -9.35 0.06 18.27
N ALA D 107 -8.16 -0.47 18.21
CA ALA D 107 -7.02 0.21 17.54
C ALA D 107 -6.82 -0.42 16.14
N ALA D 108 -6.91 0.43 15.16
CA ALA D 108 -6.82 0.05 13.74
C ALA D 108 -5.47 0.47 13.14
N LEU D 109 -4.82 -0.49 12.51
CA LEU D 109 -3.61 -0.26 11.71
CA LEU D 109 -3.61 -0.22 11.70
C LEU D 109 -4.13 0.25 10.36
N CYS D 110 -3.85 1.50 10.05
CA CYS D 110 -4.30 2.12 8.80
C CYS D 110 -3.07 2.59 8.01
N TYR D 111 -3.16 2.36 6.69
CA TYR D 111 -2.08 2.69 5.77
C TYR D 111 -2.55 3.44 4.57
N ASP D 112 -3.82 3.79 4.47
CA ASP D 112 -4.36 4.52 3.35
C ASP D 112 -5.72 5.09 3.73
N HIS D 113 -6.26 5.86 2.86
CA HIS D 113 -7.55 6.47 3.06
C HIS D 113 -8.65 5.48 3.31
N TYR D 114 -8.67 4.41 2.54
CA TYR D 114 -9.73 3.43 2.65
C TYR D 114 -9.78 2.78 4.06
N THR D 115 -8.64 2.31 4.56
CA THR D 115 -8.55 1.75 5.90
C THR D 115 -8.88 2.74 6.98
N ALA D 116 -8.39 3.97 6.88
CA ALA D 116 -8.74 4.99 7.82
C ALA D 116 -10.25 5.17 7.91
N ALA D 117 -10.93 5.27 6.79
CA ALA D 117 -12.38 5.45 6.75
C ALA D 117 -13.10 4.19 7.27
N ILE D 118 -12.71 3.03 6.75
CA ILE D 118 -13.47 1.85 7.02
C ILE D 118 -13.34 1.43 8.50
N SER D 119 -12.20 1.73 9.13
CA SER D 119 -11.98 1.31 10.55
C SER D 119 -12.98 2.11 11.45
N ARG D 120 -13.32 3.32 11.00
CA ARG D 120 -14.40 4.11 11.61
C ARG D 120 -15.81 3.63 11.24
N ILE D 121 -16.06 3.51 9.97
CA ILE D 121 -17.38 3.12 9.50
C ILE D 121 -17.82 1.78 10.01
N HIS D 122 -16.97 0.76 9.92
CA HIS D 122 -17.37 -0.57 10.37
C HIS D 122 -17.08 -0.86 11.86
N ASN D 123 -15.92 -0.45 12.35
CA ASN D 123 -15.43 -0.89 13.66
C ASN D 123 -15.46 0.20 14.71
N ASP D 124 -15.93 1.39 14.37
CA ASP D 124 -15.94 2.53 15.32
C ASP D 124 -14.60 2.64 16.04
N ALA D 125 -13.52 2.52 15.26
CA ALA D 125 -12.23 2.42 15.89
C ALA D 125 -11.94 3.74 16.69
N ASN D 126 -11.25 3.60 17.81
CA ASN D 126 -10.89 4.76 18.61
C ASN D 126 -9.44 5.11 18.69
N ILE D 127 -8.59 4.23 18.18
CA ILE D 127 -7.19 4.55 17.99
C ILE D 127 -6.75 4.22 16.56
N VAL D 128 -5.98 5.12 15.96
CA VAL D 128 -5.42 4.91 14.63
C VAL D 128 -3.92 4.69 14.77
N CYS D 129 -3.40 3.61 14.18
CA CYS D 129 -2.03 3.26 14.30
C CYS D 129 -1.37 3.35 12.90
N VAL D 130 -0.23 4.03 12.87
CA VAL D 130 0.46 4.25 11.58
C VAL D 130 1.94 3.93 11.72
N GLY D 131 2.57 3.72 10.57
CA GLY D 131 3.98 3.30 10.48
C GLY D 131 4.83 4.47 9.85
N GLU D 132 5.77 5.03 10.61
CA GLU D 132 6.65 6.07 10.12
C GLU D 132 7.69 5.53 9.11
N ARG D 133 8.09 4.26 9.20
CA ARG D 133 9.04 3.64 8.28
C ARG D 133 8.39 3.13 7.03
N THR D 134 7.06 2.93 7.08
CA THR D 134 6.30 2.38 6.00
C THR D 134 5.54 3.43 5.18
N THR D 135 4.99 4.45 5.81
CA THR D 135 3.96 5.34 5.19
C THR D 135 4.49 6.74 5.25
N GLY D 136 4.50 7.39 4.10
CA GLY D 136 4.98 8.75 3.98
C GLY D 136 4.09 9.72 4.66
N VAL D 137 4.63 10.86 5.08
CA VAL D 137 3.85 11.76 5.86
C VAL D 137 2.62 12.37 5.29
N GLU D 138 2.53 12.59 3.99
CA GLU D 138 1.32 13.10 3.43
C GLU D 138 0.17 12.05 3.45
N VAL D 139 0.50 10.77 3.36
CA VAL D 139 -0.49 9.74 3.57
C VAL D 139 -0.89 9.54 5.07
N ILE D 140 0.04 9.70 5.96
CA ILE D 140 -0.24 9.71 7.40
C ILE D 140 -1.19 10.83 7.69
N ARG D 141 -0.95 11.97 7.07
CA ARG D 141 -1.87 13.07 7.19
C ARG D 141 -3.27 12.77 6.75
N GLU D 142 -3.37 12.25 5.54
CA GLU D 142 -4.66 11.89 5.00
C GLU D 142 -5.37 10.85 5.99
N ILE D 143 -4.60 9.86 6.46
CA ILE D 143 -5.10 8.81 7.40
C ILE D 143 -5.71 9.48 8.64
N ILE D 144 -4.95 10.32 9.30
CA ILE D 144 -5.43 11.00 10.53
C ILE D 144 -6.65 11.85 10.33
N ILE D 145 -6.62 12.67 9.30
CA ILE D 145 -7.74 13.49 9.01
C ILE D 145 -9.00 12.68 8.68
N THR D 146 -8.85 11.67 7.85
CA THR D 146 -9.96 10.87 7.46
C THR D 146 -10.52 10.16 8.73
N PHE D 147 -9.63 9.62 9.57
CA PHE D 147 -10.04 8.86 10.74
C PHE D 147 -10.95 9.74 11.64
N LEU D 148 -10.46 10.94 11.89
CA LEU D 148 -11.11 11.90 12.75
C LEU D 148 -12.28 12.57 12.18
N GLN D 149 -12.53 12.51 10.86
CA GLN D 149 -13.76 13.12 10.29
C GLN D 149 -14.80 12.14 9.93
N THR D 150 -14.49 10.86 10.05
CA THR D 150 -15.43 9.82 9.58
C THR D 150 -16.28 9.27 10.75
N PRO D 151 -17.57 9.37 10.65
CA PRO D 151 -18.41 8.81 11.71
C PRO D 151 -18.60 7.33 11.57
N PHE D 152 -19.02 6.70 12.66
CA PHE D 152 -19.39 5.30 12.69
C PHE D 152 -20.68 5.05 11.89
N SER D 153 -20.81 3.92 11.15
CA SER D 153 -21.92 3.73 10.27
C SER D 153 -23.33 3.81 11.02
N GLY D 154 -23.40 3.32 12.27
CA GLY D 154 -24.60 3.10 13.01
C GLY D 154 -25.32 1.74 12.80
N GLU D 155 -24.88 0.92 11.88
CA GLU D 155 -25.71 -0.21 11.37
C GLU D 155 -25.71 -1.32 12.39
N GLU D 156 -26.82 -2.03 12.44
CA GLU D 156 -27.05 -3.04 13.42
C GLU D 156 -25.90 -4.12 13.38
N ARG D 157 -25.54 -4.58 12.20
CA ARG D 157 -24.53 -5.63 12.11
C ARG D 157 -23.12 -5.20 12.62
N HIS D 158 -22.78 -3.92 12.42
CA HIS D 158 -21.51 -3.40 12.86
C HIS D 158 -21.58 -3.27 14.35
N ALA D 159 -22.67 -2.74 14.90
CA ALA D 159 -22.74 -2.66 16.37
C ALA D 159 -22.70 -4.03 17.00
N ARG D 160 -23.40 -4.96 16.38
CA ARG D 160 -23.45 -6.32 16.96
C ARG D 160 -22.03 -6.90 17.01
N ARG D 161 -21.27 -6.68 15.97
CA ARG D 161 -19.86 -7.20 15.95
C ARG D 161 -18.99 -6.55 16.93
N ILE D 162 -19.16 -5.26 17.10
CA ILE D 162 -18.38 -4.56 18.13
C ILE D 162 -18.71 -5.03 19.51
N GLU D 163 -19.99 -5.28 19.79
CA GLU D 163 -20.39 -5.91 21.04
C GLU D 163 -19.79 -7.33 21.24
N LYS D 164 -19.64 -8.10 20.16
CA LYS D 164 -18.93 -9.41 20.27
C LYS D 164 -17.46 -9.25 20.62
N ILE D 165 -16.85 -8.15 20.13
CA ILE D 165 -15.48 -7.87 20.58
C ILE D 165 -15.42 -7.66 22.07
N ARG D 166 -16.36 -6.88 22.59
CA ARG D 166 -16.42 -6.68 24.04
C ARG D 166 -16.73 -7.97 24.81
N ALA D 167 -17.55 -8.84 24.26
CA ALA D 167 -17.77 -10.14 24.91
C ALA D 167 -16.45 -10.98 24.91
N ILE D 168 -15.64 -10.88 23.85
CA ILE D 168 -14.26 -11.48 23.94
C ILE D 168 -13.44 -10.94 25.04
N GLU D 169 -13.40 -9.63 25.23
CA GLU D 169 -12.65 -9.05 26.32
C GLU D 169 -13.21 -9.57 27.68
N ALA D 170 -14.53 -9.49 27.87
CA ALA D 170 -15.17 -9.94 29.18
C ALA D 170 -14.87 -11.42 29.47
N SER D 171 -14.86 -12.26 28.46
CA SER D 171 -14.52 -13.68 28.63
C SER D 171 -13.09 -13.97 29.02
N HIS D 172 -12.20 -12.99 28.96
CA HIS D 172 -10.83 -13.12 29.47
C HIS D 172 -10.52 -12.18 30.62
N ALA D 173 -11.50 -11.48 31.21
CA ALA D 173 -11.21 -10.43 32.26
C ALA D 173 -10.87 -11.04 33.64
#